data_7W1Q
#
_entry.id   7W1Q
#
_cell.length_a   119.244
_cell.length_b   119.244
_cell.length_c   39.010
_cell.angle_alpha   90.000
_cell.angle_beta   90.000
_cell.angle_gamma   120.000
#
_symmetry.space_group_name_H-M   'P 61'
#
loop_
_entity.id
_entity.type
_entity.pdbx_description
1 polymer 'Guanosine deaminase'
2 non-polymer 'ZINC ION'
3 non-polymer "O2'-METHYLGUANOSINE-5'-MONOPHOSPHATE"
4 water water
#
_entity_poly.entity_id   1
_entity_poly.type   'polypeptide(L)'
_entity_poly.pdbx_seq_one_letter_code
;SDHKFLTQAVEEAYKGVDCGDGGPFGAVIVHNNEVVASCHNMVLKYTDPTAHAQVTAIREACKKLNKIELSECEIYASCE
PCPMCFGAIHLSRLKRLVYGAKAEAAIAIGFDDFIADALRGTGVYQKSSLEIKKADGNGAAIAEQVFQNTKEKFRLY
;
_entity_poly.pdbx_strand_id   A,D
#
# COMPACT_ATOMS: atom_id res chain seq x y z
N SER A 1 5.75 0.19 27.78
CA SER A 1 6.18 -0.75 26.76
C SER A 1 6.25 -0.08 25.38
N ASP A 2 5.52 1.02 25.25
CA ASP A 2 5.49 1.77 24.00
C ASP A 2 6.86 2.31 23.64
N HIS A 3 7.57 2.87 24.62
CA HIS A 3 8.87 3.47 24.35
C HIS A 3 9.88 2.42 23.87
N LYS A 4 9.83 1.22 24.46
CA LYS A 4 10.78 0.17 24.10
C LYS A 4 10.59 -0.26 22.65
N PHE A 5 9.34 -0.47 22.23
CA PHE A 5 9.09 -0.93 20.87
C PHE A 5 9.29 0.18 19.85
N LEU A 6 8.97 1.42 20.22
CA LEU A 6 9.26 2.56 19.35
C LEU A 6 10.76 2.73 19.17
N THR A 7 11.52 2.55 20.25
CA THR A 7 12.97 2.63 20.14
C THR A 7 13.51 1.53 19.24
N GLN A 8 12.95 0.32 19.33
CA GLN A 8 13.38 -0.73 18.42
C GLN A 8 13.07 -0.38 16.97
N ALA A 9 11.93 0.27 16.71
CA ALA A 9 11.65 0.72 15.34
C ALA A 9 12.67 1.74 14.87
N VAL A 10 13.07 2.66 15.75
CA VAL A 10 14.10 3.64 15.39
C VAL A 10 15.41 2.94 15.11
N GLU A 11 15.70 1.89 15.87
CA GLU A 11 16.92 1.14 15.64
C GLU A 11 16.89 0.48 14.28
N GLU A 12 15.73 -0.06 13.88
CA GLU A 12 15.60 -0.65 12.56
C GLU A 12 15.85 0.38 11.48
N ALA A 13 15.34 1.61 11.68
CA ALA A 13 15.58 2.66 10.71
C ALA A 13 17.08 2.89 10.51
N TYR A 14 17.82 2.97 11.63
CA TYR A 14 19.27 3.16 11.51
C TYR A 14 19.93 1.97 10.80
N LYS A 15 19.50 0.73 11.09
CA LYS A 15 20.07 -0.46 10.44
C LYS A 15 19.90 -0.40 8.94
N GLY A 16 18.68 -0.17 8.50
CA GLY A 16 18.42 -0.16 7.10
C GLY A 16 19.24 0.88 6.39
N VAL A 17 19.38 2.06 6.98
CA VAL A 17 20.18 3.06 6.29
C VAL A 17 21.66 2.67 6.28
N ASP A 18 22.15 2.09 7.38
CA ASP A 18 23.58 1.76 7.42
C ASP A 18 23.94 0.67 6.42
N CYS A 19 23.11 -0.34 6.28
CA CYS A 19 23.41 -1.42 5.33
C CYS A 19 22.88 -1.13 3.93
N GLY A 20 22.26 0.02 3.72
CA GLY A 20 21.83 0.43 2.40
C GLY A 20 20.54 -0.20 1.91
N ASP A 21 19.72 -0.75 2.81
CA ASP A 21 18.45 -1.35 2.38
C ASP A 21 17.45 -0.31 1.91
N GLY A 22 17.48 0.89 2.48
CA GLY A 22 16.50 1.89 2.13
C GLY A 22 16.61 3.10 3.05
N GLY A 23 15.52 3.88 3.10
CA GLY A 23 15.47 5.08 3.88
C GLY A 23 15.45 4.83 5.38
N PRO A 24 15.58 5.89 6.17
CA PRO A 24 15.63 5.77 7.65
C PRO A 24 14.25 5.59 8.27
N PHE A 25 13.68 4.42 8.04
CA PHE A 25 12.37 4.08 8.56
C PHE A 25 12.37 2.64 9.05
N GLY A 26 11.76 2.44 10.21
CA GLY A 26 11.63 1.11 10.78
C GLY A 26 10.25 0.94 11.39
N ALA A 27 9.86 -0.34 11.54
CA ALA A 27 8.55 -0.66 12.09
C ALA A 27 8.64 -1.99 12.84
N VAL A 28 7.91 -2.05 13.96
CA VAL A 28 7.86 -3.24 14.79
C VAL A 28 6.41 -3.61 15.04
N ILE A 29 6.06 -4.86 14.81
CA ILE A 29 4.72 -5.37 15.08
C ILE A 29 4.79 -6.31 16.28
N VAL A 30 3.98 -6.01 17.28
CA VAL A 30 3.99 -6.64 18.60
C VAL A 30 2.66 -7.33 18.82
N HIS A 31 2.69 -8.59 19.26
CA HIS A 31 1.50 -9.29 19.74
C HIS A 31 1.62 -9.49 21.26
N ASN A 32 0.87 -8.70 22.02
CA ASN A 32 0.76 -8.84 23.47
C ASN A 32 2.15 -8.81 24.13
N ASN A 33 2.88 -7.74 23.86
CA ASN A 33 4.19 -7.42 24.43
C ASN A 33 5.30 -8.29 23.87
N GLU A 34 5.03 -9.07 22.84
CA GLU A 34 6.02 -9.94 22.23
C GLU A 34 6.17 -9.61 20.75
N VAL A 35 7.41 -9.51 20.29
CA VAL A 35 7.69 -9.02 18.93
C VAL A 35 7.42 -10.12 17.92
N VAL A 36 6.53 -9.85 16.97
CA VAL A 36 6.26 -10.78 15.88
C VAL A 36 7.03 -10.34 14.64
N ALA A 37 7.23 -9.03 14.48
CA ALA A 37 7.99 -8.59 13.30
C ALA A 37 8.79 -7.33 13.61
N SER A 38 10.00 -7.26 13.06
CA SER A 38 10.86 -6.09 13.20
C SER A 38 11.57 -5.87 11.87
N CYS A 39 11.27 -4.75 11.21
CA CYS A 39 11.77 -4.54 9.85
C CYS A 39 12.07 -3.07 9.64
N HIS A 40 12.68 -2.77 8.49
CA HIS A 40 12.96 -1.41 8.07
C HIS A 40 12.60 -1.29 6.59
N ASN A 41 12.74 -0.07 6.06
CA ASN A 41 12.47 0.15 4.64
C ASN A 41 13.41 -0.67 3.77
N MET A 42 12.84 -1.40 2.82
CA MET A 42 13.60 -2.29 1.93
C MET A 42 13.43 -1.90 0.47
N VAL A 43 13.18 -0.62 0.19
CA VAL A 43 12.88 -0.20 -1.18
C VAL A 43 14.08 -0.45 -2.09
N LEU A 44 15.28 -0.06 -1.64
CA LEU A 44 16.47 -0.23 -2.47
C LEU A 44 16.93 -1.66 -2.52
N LYS A 45 16.74 -2.43 -1.44
CA LYS A 45 17.16 -3.82 -1.42
C LYS A 45 16.34 -4.66 -2.38
N TYR A 46 15.02 -4.46 -2.40
CA TYR A 46 14.10 -5.29 -3.17
C TYR A 46 13.78 -4.74 -4.54
N THR A 47 14.25 -3.54 -4.88
CA THR A 47 13.78 -2.81 -6.06
C THR A 47 12.25 -2.81 -6.10
N ASP A 48 11.67 -2.31 -5.00
CA ASP A 48 10.24 -2.36 -4.76
C ASP A 48 9.80 -1.08 -4.05
N PRO A 49 9.13 -0.16 -4.76
CA PRO A 49 8.70 1.09 -4.12
C PRO A 49 7.62 0.91 -3.07
N THR A 50 7.03 -0.27 -2.95
CA THR A 50 6.04 -0.55 -1.92
C THR A 50 6.63 -1.18 -0.68
N ALA A 51 7.94 -1.43 -0.66
CA ALA A 51 8.58 -2.11 0.46
C ALA A 51 8.95 -1.14 1.57
N HIS A 52 8.01 -0.27 1.95
CA HIS A 52 8.23 0.59 3.10
C HIS A 52 8.36 -0.25 4.38
N ALA A 53 8.78 0.40 5.46
CA ALA A 53 8.96 -0.30 6.73
C ALA A 53 7.66 -0.93 7.20
N GLN A 54 6.55 -0.19 7.13
CA GLN A 54 5.27 -0.69 7.61
C GLN A 54 4.79 -1.85 6.76
N VAL A 55 4.87 -1.70 5.43
CA VAL A 55 4.40 -2.77 4.55
C VAL A 55 5.24 -4.02 4.77
N THR A 56 6.57 -3.88 4.82
CA THR A 56 7.46 -5.02 5.02
C THR A 56 7.16 -5.72 6.34
N ALA A 57 7.02 -4.93 7.41
CA ALA A 57 6.71 -5.51 8.71
C ALA A 57 5.40 -6.27 8.66
N ILE A 58 4.41 -5.76 7.91
CA ILE A 58 3.12 -6.44 7.85
C ILE A 58 3.22 -7.76 7.10
N ARG A 59 3.91 -7.78 5.93
CA ARG A 59 4.01 -9.03 5.17
C ARG A 59 4.71 -10.08 6.04
N GLU A 60 5.75 -9.64 6.78
CA GLU A 60 6.52 -10.61 7.57
C GLU A 60 5.76 -11.07 8.81
N ALA A 61 5.01 -10.17 9.44
CA ALA A 61 4.15 -10.58 10.54
C ALA A 61 3.09 -11.56 10.08
N CYS A 62 2.52 -11.33 8.89
CA CYS A 62 1.51 -12.25 8.36
C CYS A 62 2.12 -13.57 7.94
N LYS A 63 3.37 -13.57 7.51
CA LYS A 63 4.04 -14.84 7.21
C LYS A 63 4.35 -15.62 8.48
N LYS A 64 4.80 -14.93 9.55
CA LYS A 64 5.12 -15.63 10.79
C LYS A 64 3.88 -16.20 11.44
N LEU A 65 2.77 -15.44 11.43
CA LEU A 65 1.53 -15.93 12.00
C LEU A 65 0.67 -16.67 10.98
N ASN A 66 1.12 -16.71 9.72
CA ASN A 66 0.44 -17.41 8.63
C ASN A 66 -1.05 -17.06 8.53
N LYS A 67 -1.36 -15.77 8.68
CA LYS A 67 -2.72 -15.30 8.49
C LYS A 67 -2.67 -13.88 7.95
N ILE A 68 -3.75 -13.48 7.26
CA ILE A 68 -3.79 -12.21 6.57
C ILE A 68 -4.46 -11.11 7.40
N GLU A 69 -4.76 -11.37 8.67
CA GLU A 69 -5.32 -10.35 9.55
C GLU A 69 -4.52 -10.31 10.85
N LEU A 70 -4.28 -9.10 11.35
CA LEU A 70 -3.49 -8.87 12.55
C LEU A 70 -4.27 -8.09 13.60
N SER A 71 -5.54 -8.43 13.79
CA SER A 71 -6.40 -7.65 14.68
C SER A 71 -5.99 -7.72 16.13
N GLU A 72 -5.09 -8.63 16.51
CA GLU A 72 -4.62 -8.74 17.87
C GLU A 72 -3.30 -8.01 18.13
N CYS A 73 -2.62 -7.53 17.08
CA CYS A 73 -1.30 -6.95 17.23
C CYS A 73 -1.34 -5.44 17.06
N GLU A 74 -0.21 -4.81 17.40
CA GLU A 74 -0.05 -3.36 17.32
C GLU A 74 1.24 -3.06 16.59
N ILE A 75 1.30 -1.88 15.96
CA ILE A 75 2.45 -1.50 15.14
C ILE A 75 3.07 -0.22 15.69
N TYR A 76 4.40 -0.21 15.75
CA TYR A 76 5.19 0.94 16.17
C TYR A 76 6.02 1.39 14.96
N ALA A 77 5.80 2.62 14.53
CA ALA A 77 6.41 3.18 13.33
C ALA A 77 7.37 4.30 13.72
N SER A 78 8.63 4.18 13.30
CA SER A 78 9.59 5.24 13.53
C SER A 78 9.12 6.58 12.97
N CYS A 79 8.33 6.55 11.89
CA CYS A 79 7.81 7.77 11.27
C CYS A 79 6.35 7.54 10.90
N GLU A 80 5.61 8.65 10.84
CA GLU A 80 4.19 8.65 10.50
C GLU A 80 3.95 7.88 9.19
N PRO A 81 3.09 6.87 9.21
CA PRO A 81 2.86 6.10 7.97
C PRO A 81 2.23 6.93 6.87
N CYS A 82 2.73 6.74 5.65
CA CYS A 82 2.21 7.39 4.46
C CYS A 82 0.83 6.83 4.12
N PRO A 83 0.14 7.41 3.13
CA PRO A 83 -1.17 6.84 2.72
C PRO A 83 -1.13 5.37 2.36
N MET A 84 -0.07 4.91 1.67
CA MET A 84 0.00 3.50 1.30
C MET A 84 0.15 2.62 2.54
N CYS A 85 1.05 3.00 3.45
CA CYS A 85 1.29 2.17 4.63
C CYS A 85 0.11 2.22 5.60
N PHE A 86 -0.52 3.38 5.73
CA PHE A 86 -1.72 3.46 6.55
C PHE A 86 -2.84 2.62 5.95
N GLY A 87 -2.99 2.65 4.63
CA GLY A 87 -3.94 1.76 3.99
C GLY A 87 -3.66 0.30 4.27
N ALA A 88 -2.38 -0.09 4.19
CA ALA A 88 -2.01 -1.47 4.50
C ALA A 88 -2.32 -1.80 5.96
N ILE A 89 -2.12 -0.84 6.86
CA ILE A 89 -2.42 -1.04 8.27
C ILE A 89 -3.93 -1.23 8.48
N HIS A 90 -4.74 -0.46 7.74
CA HIS A 90 -6.18 -0.64 7.77
C HIS A 90 -6.55 -2.04 7.30
N LEU A 91 -6.04 -2.44 6.13
CA LEU A 91 -6.39 -3.74 5.58
C LEU A 91 -5.95 -4.89 6.49
N SER A 92 -4.81 -4.73 7.18
CA SER A 92 -4.33 -5.76 8.08
C SER A 92 -5.12 -5.82 9.37
N ARG A 93 -5.99 -4.84 9.63
CA ARG A 93 -6.84 -4.77 10.80
C ARG A 93 -6.06 -4.60 12.10
N LEU A 94 -4.80 -4.16 12.03
CA LEU A 94 -4.03 -3.85 13.23
C LEU A 94 -4.83 -2.93 14.14
N LYS A 95 -4.80 -3.21 15.44
CA LYS A 95 -5.68 -2.53 16.38
C LYS A 95 -5.09 -1.24 16.93
N ARG A 96 -3.78 -1.04 16.84
CA ARG A 96 -3.18 0.15 17.41
C ARG A 96 -1.94 0.52 16.62
N LEU A 97 -1.72 1.82 16.46
CA LEU A 97 -0.57 2.37 15.76
C LEU A 97 0.04 3.46 16.62
N VAL A 98 1.30 3.26 17.02
CA VAL A 98 2.08 4.28 17.72
C VAL A 98 3.19 4.72 16.79
N TYR A 99 3.30 6.03 16.57
CA TYR A 99 4.38 6.52 15.71
C TYR A 99 5.12 7.67 16.40
N GLY A 100 6.39 7.81 16.04
CA GLY A 100 7.28 8.72 16.72
C GLY A 100 7.37 10.10 16.11
N ALA A 101 7.78 10.18 14.85
CA ALA A 101 8.03 11.46 14.19
C ALA A 101 6.89 11.83 13.26
N LYS A 102 6.57 13.12 13.23
CA LYS A 102 5.63 13.63 12.24
C LYS A 102 6.25 13.53 10.85
N ALA A 103 5.37 13.41 9.84
CA ALA A 103 5.84 13.33 8.46
C ALA A 103 6.70 14.53 8.08
N GLU A 104 6.45 15.69 8.69
CA GLU A 104 7.21 16.89 8.33
C GLU A 104 8.69 16.73 8.61
N ALA A 105 9.06 15.92 9.61
CA ALA A 105 10.47 15.68 9.88
C ALA A 105 11.15 14.96 8.73
N ALA A 106 10.42 14.08 8.03
CA ALA A 106 10.97 13.43 6.85
C ALA A 106 10.92 14.34 5.63
N ILE A 107 9.84 15.12 5.50
CA ILE A 107 9.75 16.07 4.40
C ILE A 107 10.89 17.08 4.45
N ALA A 108 11.35 17.43 5.66
CA ALA A 108 12.41 18.41 5.82
C ALA A 108 13.73 18.00 5.19
N ILE A 109 13.92 16.70 4.91
CA ILE A 109 15.18 16.24 4.34
C ILE A 109 14.98 15.65 2.94
N GLY A 110 13.88 16.00 2.27
CA GLY A 110 13.74 15.74 0.85
C GLY A 110 12.67 14.75 0.46
N PHE A 111 11.96 14.15 1.41
CA PHE A 111 10.92 13.19 1.06
C PHE A 111 9.64 13.90 0.62
N ASP A 112 8.82 13.18 -0.14
CA ASP A 112 7.58 13.72 -0.67
C ASP A 112 6.64 14.18 0.44
N ASP A 113 5.92 15.28 0.17
CA ASP A 113 4.78 15.70 0.99
C ASP A 113 3.64 14.73 0.68
N PHE A 114 3.66 13.58 1.37
CA PHE A 114 2.80 12.43 1.08
C PHE A 114 2.13 12.01 2.40
N ILE A 115 1.04 12.67 2.76
CA ILE A 115 0.46 12.57 4.10
C ILE A 115 -0.91 11.92 4.02
N ALA A 116 -1.19 11.06 5.00
CA ALA A 116 -2.42 10.25 5.03
C ALA A 116 -3.52 11.02 5.76
N ASP A 117 -4.55 11.42 5.01
CA ASP A 117 -5.69 12.12 5.61
C ASP A 117 -6.35 11.28 6.69
N ALA A 118 -6.52 9.97 6.45
CA ALA A 118 -7.20 9.12 7.41
C ALA A 118 -6.46 9.04 8.74
N LEU A 119 -5.13 9.20 8.70
CA LEU A 119 -4.34 9.16 9.94
C LEU A 119 -4.51 10.42 10.76
N ARG A 120 -4.57 11.58 10.11
CA ARG A 120 -4.65 12.86 10.80
C ARG A 120 -6.09 13.26 11.12
N GLY A 121 -7.07 12.47 10.68
CA GLY A 121 -8.46 12.71 10.97
C GLY A 121 -9.19 13.58 9.96
N THR A 122 -8.65 13.72 8.75
CA THR A 122 -9.26 14.55 7.73
C THR A 122 -9.76 13.73 6.55
N GLY A 123 -9.99 12.43 6.75
CA GLY A 123 -10.44 11.59 5.66
C GLY A 123 -11.96 11.56 5.67
N VAL A 124 -12.54 11.57 4.48
CA VAL A 124 -13.98 11.49 4.32
C VAL A 124 -14.36 10.07 3.94
N TYR A 125 -13.70 9.54 2.88
CA TYR A 125 -13.97 8.21 2.32
C TYR A 125 -13.32 7.10 3.05
N GLN A 126 -12.14 7.35 3.57
CA GLN A 126 -11.41 6.33 4.26
C GLN A 126 -11.68 6.59 5.72
N LYS A 127 -12.33 5.64 6.35
CA LYS A 127 -12.65 5.74 7.76
C LYS A 127 -11.70 4.78 8.45
N SER A 128 -11.03 5.26 9.49
CA SER A 128 -10.11 4.46 10.27
C SER A 128 -10.70 4.29 11.66
N SER A 129 -10.69 3.04 12.15
CA SER A 129 -11.16 2.76 13.50
C SER A 129 -10.05 2.49 14.50
N LEU A 130 -8.83 2.20 14.05
CA LEU A 130 -7.76 1.83 14.97
C LEU A 130 -7.33 3.01 15.84
N GLU A 131 -6.87 2.68 17.04
CA GLU A 131 -6.34 3.69 17.94
C GLU A 131 -4.96 4.14 17.48
N ILE A 132 -4.75 5.45 17.45
CA ILE A 132 -3.51 6.04 16.94
C ILE A 132 -2.93 6.94 18.02
N LYS A 133 -1.63 6.81 18.27
CA LYS A 133 -0.92 7.62 19.25
C LYS A 133 0.36 8.17 18.63
N LYS A 134 0.48 9.50 18.62
CA LYS A 134 1.71 10.17 18.27
C LYS A 134 2.59 10.29 19.51
N ALA A 135 3.80 9.74 19.44
CA ALA A 135 4.71 9.78 20.57
C ALA A 135 5.11 11.21 20.92
N ASP A 136 5.32 11.45 22.20
CA ASP A 136 5.82 12.72 22.71
C ASP A 136 7.10 12.47 23.51
N GLY A 137 7.66 13.57 24.03
CA GLY A 137 8.82 13.46 24.91
C GLY A 137 9.99 12.76 24.24
N ASN A 138 10.61 11.82 24.96
CA ASN A 138 11.83 11.19 24.48
C ASN A 138 11.59 10.34 23.24
N GLY A 139 10.43 9.68 23.14
CA GLY A 139 10.14 8.94 21.93
C GLY A 139 10.15 9.83 20.71
N ALA A 140 9.49 10.99 20.80
CA ALA A 140 9.50 11.95 19.71
C ALA A 140 10.91 12.47 19.47
N ALA A 141 11.67 12.73 20.53
CA ALA A 141 13.03 13.23 20.36
C ALA A 141 13.86 12.25 19.56
N ILE A 142 13.82 10.97 19.94
CA ILE A 142 14.57 9.93 19.24
C ILE A 142 14.12 9.82 17.79
N ALA A 143 12.81 9.77 17.56
CA ALA A 143 12.30 9.56 16.21
C ALA A 143 12.63 10.75 15.31
N GLU A 144 12.52 11.96 15.83
CA GLU A 144 12.87 13.14 15.06
C GLU A 144 14.37 13.20 14.79
N GLN A 145 15.19 12.77 15.76
CA GLN A 145 16.63 12.88 15.60
C GLN A 145 17.14 11.89 14.57
N VAL A 146 16.33 10.88 14.24
CA VAL A 146 16.71 9.96 13.18
C VAL A 146 17.08 10.72 11.91
N PHE A 147 16.28 11.73 11.56
CA PHE A 147 16.44 12.38 10.27
C PHE A 147 17.62 13.34 10.24
N GLN A 148 17.93 14.02 11.34
CA GLN A 148 19.11 14.87 11.35
C GLN A 148 20.38 14.05 11.46
N ASN A 149 20.32 12.86 12.06
CA ASN A 149 21.54 12.05 12.16
C ASN A 149 21.83 11.31 10.85
N THR A 150 20.80 10.90 10.14
CA THR A 150 20.96 10.16 8.89
C THR A 150 21.02 11.06 7.67
N LYS A 151 21.04 12.38 7.88
CA LYS A 151 21.08 13.33 6.77
C LYS A 151 22.25 13.05 5.84
N GLU A 152 21.94 12.93 4.56
CA GLU A 152 22.94 12.70 3.55
C GLU A 152 23.71 11.39 3.79
N LYS A 153 23.12 10.44 4.52
CA LYS A 153 23.69 9.10 4.49
C LYS A 153 23.11 8.20 3.42
N PHE A 154 21.91 8.46 2.92
CA PHE A 154 21.23 7.54 2.02
C PHE A 154 20.80 8.18 0.69
N ARG A 155 20.44 7.32 -0.27
CA ARG A 155 19.88 7.73 -1.57
C ARG A 155 18.39 7.99 -1.42
N LEU A 156 17.94 9.16 -1.88
CA LEU A 156 16.52 9.50 -1.77
C LEU A 156 15.73 8.79 -2.87
N TYR A 157 14.54 8.32 -2.50
CA TYR A 157 13.65 7.65 -3.45
C TYR A 157 12.22 8.16 -3.38
N SER B 1 -6.26 1.59 -27.48
CA SER B 1 -5.41 0.65 -26.76
C SER B 1 -5.87 0.47 -25.32
N ASP B 2 -6.64 1.45 -24.82
CA ASP B 2 -7.15 1.37 -23.46
C ASP B 2 -8.06 0.15 -23.27
N HIS B 3 -8.92 -0.12 -24.24
CA HIS B 3 -9.90 -1.19 -24.10
C HIS B 3 -9.21 -2.54 -23.97
N LYS B 4 -8.16 -2.76 -24.75
CA LYS B 4 -7.45 -4.03 -24.75
C LYS B 4 -6.79 -4.32 -23.41
N PHE B 5 -6.15 -3.32 -22.82
CA PHE B 5 -5.48 -3.52 -21.55
C PHE B 5 -6.44 -3.56 -20.36
N LEU B 6 -7.53 -2.78 -20.41
CA LEU B 6 -8.54 -2.90 -19.35
C LEU B 6 -9.22 -4.26 -19.39
N THR B 7 -9.54 -4.76 -20.60
CA THR B 7 -10.12 -6.09 -20.71
C THR B 7 -9.14 -7.15 -20.24
N GLN B 8 -7.85 -6.96 -20.52
CA GLN B 8 -6.86 -7.90 -19.99
C GLN B 8 -6.85 -7.88 -18.47
N ALA B 9 -7.04 -6.72 -17.86
CA ALA B 9 -7.15 -6.68 -16.40
C ALA B 9 -8.38 -7.44 -15.91
N VAL B 10 -9.50 -7.31 -16.62
CA VAL B 10 -10.71 -8.04 -16.21
C VAL B 10 -10.51 -9.55 -16.31
N GLU B 11 -9.83 -9.99 -17.39
CA GLU B 11 -9.42 -11.39 -17.56
C GLU B 11 -8.44 -11.85 -16.48
N GLU B 12 -7.54 -10.97 -16.03
CA GLU B 12 -6.68 -11.32 -14.90
C GLU B 12 -7.50 -11.55 -13.64
N ALA B 13 -8.49 -10.67 -13.39
CA ALA B 13 -9.36 -10.81 -12.22
C ALA B 13 -10.08 -12.15 -12.25
N TYR B 14 -10.67 -12.50 -13.41
CA TYR B 14 -11.40 -13.76 -13.51
C TYR B 14 -10.48 -14.95 -13.27
N LYS B 15 -9.29 -14.94 -13.87
CA LYS B 15 -8.36 -16.05 -13.69
C LYS B 15 -7.94 -16.19 -12.22
N GLY B 16 -7.60 -15.07 -11.58
CA GLY B 16 -7.17 -15.13 -10.20
C GLY B 16 -8.25 -15.65 -9.26
N VAL B 17 -9.49 -15.17 -9.44
CA VAL B 17 -10.56 -15.66 -8.58
C VAL B 17 -10.82 -17.14 -8.86
N ASP B 18 -10.73 -17.55 -10.13
CA ASP B 18 -11.02 -18.93 -10.48
C ASP B 18 -10.01 -19.90 -9.85
N CYS B 19 -8.72 -19.55 -9.89
CA CYS B 19 -7.72 -20.45 -9.33
C CYS B 19 -7.48 -20.23 -7.83
N GLY B 20 -8.22 -19.33 -7.20
CA GLY B 20 -8.13 -19.14 -5.77
C GLY B 20 -6.96 -18.32 -5.29
N ASP B 21 -6.33 -17.55 -6.16
CA ASP B 21 -5.22 -16.70 -5.74
C ASP B 21 -5.70 -15.57 -4.85
N GLY B 22 -6.90 -15.08 -5.07
CA GLY B 22 -7.43 -13.97 -4.29
C GLY B 22 -8.74 -13.49 -4.88
N GLY B 23 -9.12 -12.27 -4.52
CA GLY B 23 -10.37 -11.69 -4.94
C GLY B 23 -10.40 -11.37 -6.42
N PRO B 24 -11.58 -11.01 -6.94
CA PRO B 24 -11.76 -10.71 -8.37
C PRO B 24 -11.23 -9.33 -8.76
N PHE B 25 -9.92 -9.18 -8.74
CA PHE B 25 -9.27 -7.92 -9.11
C PHE B 25 -8.04 -8.22 -9.95
N GLY B 26 -7.85 -7.44 -11.02
CA GLY B 26 -6.70 -7.60 -11.87
C GLY B 26 -6.14 -6.26 -12.28
N ALA B 27 -4.86 -6.27 -12.64
CA ALA B 27 -4.16 -5.05 -13.04
C ALA B 27 -3.11 -5.38 -14.07
N VAL B 28 -2.94 -4.49 -15.03
CA VAL B 28 -1.97 -4.63 -16.12
C VAL B 28 -1.15 -3.35 -16.20
N ILE B 29 0.17 -3.49 -16.24
CA ILE B 29 1.08 -2.35 -16.37
C ILE B 29 1.66 -2.35 -17.78
N VAL B 30 1.48 -1.23 -18.48
CA VAL B 30 1.81 -1.12 -19.90
C VAL B 30 2.90 -0.07 -20.08
N HIS B 31 3.95 -0.41 -20.82
CA HIS B 31 4.95 0.57 -21.25
C HIS B 31 4.80 0.77 -22.75
N ASN B 32 4.14 1.87 -23.13
CA ASN B 32 4.03 2.30 -24.52
C ASN B 32 3.56 1.15 -25.42
N ASN B 33 2.40 0.60 -25.07
CA ASN B 33 1.72 -0.46 -25.80
C ASN B 33 2.39 -1.82 -25.63
N GLU B 34 3.34 -1.94 -24.71
CA GLU B 34 3.97 -3.23 -24.43
C GLU B 34 3.69 -3.60 -22.98
N VAL B 35 3.24 -4.83 -22.77
CA VAL B 35 2.82 -5.27 -21.45
C VAL B 35 4.06 -5.59 -20.62
N VAL B 36 4.21 -4.93 -19.49
CA VAL B 36 5.34 -5.15 -18.60
C VAL B 36 4.98 -6.11 -17.47
N ALA B 37 3.76 -6.02 -16.96
CA ALA B 37 3.30 -6.92 -15.91
C ALA B 37 1.79 -7.07 -16.04
N SER B 38 1.31 -8.29 -15.80
CA SER B 38 -0.12 -8.59 -15.81
C SER B 38 -0.38 -9.54 -14.67
N CYS B 39 -1.14 -9.10 -13.67
CA CYS B 39 -1.31 -9.85 -12.43
C CYS B 39 -2.71 -9.67 -11.90
N HIS B 40 -3.02 -10.40 -10.84
CA HIS B 40 -4.29 -10.30 -10.14
C HIS B 40 -4.01 -10.31 -8.63
N ASN B 41 -5.08 -10.16 -7.86
CA ASN B 41 -4.97 -10.19 -6.40
C ASN B 41 -4.40 -11.52 -5.94
N MET B 42 -3.34 -11.48 -5.12
CA MET B 42 -2.65 -12.67 -4.65
C MET B 42 -2.68 -12.77 -3.13
N VAL B 43 -3.70 -12.21 -2.49
CA VAL B 43 -3.73 -12.14 -1.03
C VAL B 43 -3.78 -13.53 -0.42
N LEU B 44 -4.63 -14.42 -0.98
CA LEU B 44 -4.77 -15.75 -0.41
C LEU B 44 -3.59 -16.65 -0.78
N LYS B 45 -3.05 -16.50 -1.99
CA LYS B 45 -1.91 -17.31 -2.40
C LYS B 45 -0.64 -16.94 -1.62
N TYR B 46 -0.41 -15.64 -1.42
CA TYR B 46 0.82 -15.16 -0.80
C TYR B 46 0.70 -15.00 0.71
N THR B 47 -0.49 -15.17 1.27
CA THR B 47 -0.79 -14.83 2.66
C THR B 47 -0.23 -13.44 2.99
N ASP B 48 -0.67 -12.47 2.20
CA ASP B 48 -0.15 -11.11 2.25
C ASP B 48 -1.31 -10.17 1.99
N PRO B 49 -1.86 -9.51 3.02
CA PRO B 49 -3.01 -8.63 2.82
C PRO B 49 -2.71 -7.40 1.99
N THR B 50 -1.44 -7.14 1.67
CA THR B 50 -1.06 -6.04 0.81
C THR B 50 -0.89 -6.46 -0.64
N ALA B 51 -1.08 -7.74 -0.95
CA ALA B 51 -0.85 -8.26 -2.29
C ALA B 51 -2.06 -8.04 -3.20
N HIS B 52 -2.61 -6.84 -3.19
CA HIS B 52 -3.67 -6.51 -4.13
C HIS B 52 -3.14 -6.57 -5.57
N ALA B 53 -4.07 -6.50 -6.53
CA ALA B 53 -3.68 -6.60 -7.93
C ALA B 53 -2.73 -5.48 -8.33
N GLN B 54 -3.02 -4.25 -7.91
CA GLN B 54 -2.18 -3.12 -8.29
C GLN B 54 -0.79 -3.23 -7.65
N VAL B 55 -0.74 -3.55 -6.36
CA VAL B 55 0.54 -3.66 -5.67
C VAL B 55 1.37 -4.79 -6.26
N THR B 56 0.74 -5.93 -6.53
CA THR B 56 1.46 -7.06 -7.14
C THR B 56 2.01 -6.68 -8.50
N ALA B 57 1.17 -6.04 -9.33
CA ALA B 57 1.63 -5.62 -10.65
C ALA B 57 2.80 -4.64 -10.54
N ILE B 58 2.76 -3.74 -9.55
CA ILE B 58 3.84 -2.77 -9.39
C ILE B 58 5.13 -3.48 -8.97
N ARG B 59 5.03 -4.40 -8.02
CA ARG B 59 6.22 -5.13 -7.59
C ARG B 59 6.85 -5.89 -8.75
N GLU B 60 6.02 -6.54 -9.57
CA GLU B 60 6.59 -7.38 -10.64
C GLU B 60 7.11 -6.53 -11.79
N ALA B 61 6.44 -5.44 -12.12
CA ALA B 61 6.95 -4.53 -13.14
C ALA B 61 8.27 -3.91 -12.70
N CYS B 62 8.38 -3.54 -11.42
CA CYS B 62 9.60 -2.93 -10.94
C CYS B 62 10.75 -3.92 -10.88
N LYS B 63 10.45 -5.20 -10.59
CA LYS B 63 11.49 -6.21 -10.63
C LYS B 63 11.95 -6.48 -12.06
N LYS B 64 11.00 -6.52 -13.01
CA LYS B 64 11.35 -6.85 -14.39
C LYS B 64 12.20 -5.76 -15.03
N LEU B 65 11.91 -4.50 -14.75
CA LEU B 65 12.63 -3.37 -15.32
C LEU B 65 13.83 -2.92 -14.48
N ASN B 66 14.09 -3.56 -13.35
CA ASN B 66 15.20 -3.18 -12.46
C ASN B 66 15.15 -1.69 -12.10
N LYS B 67 13.95 -1.21 -11.79
CA LYS B 67 13.76 0.18 -11.41
C LYS B 67 12.66 0.29 -10.37
N ILE B 68 12.73 1.34 -9.55
CA ILE B 68 11.70 1.60 -8.55
C ILE B 68 10.72 2.67 -9.02
N GLU B 69 10.84 3.12 -10.26
CA GLU B 69 9.95 4.12 -10.83
C GLU B 69 9.45 3.64 -12.19
N LEU B 70 8.18 3.89 -12.45
CA LEU B 70 7.51 3.48 -13.68
C LEU B 70 6.91 4.67 -14.40
N SER B 71 7.66 5.77 -14.46
CA SER B 71 7.14 7.02 -14.99
C SER B 71 6.83 6.97 -16.47
N GLU B 72 7.30 5.96 -17.20
CA GLU B 72 6.96 5.81 -18.60
C GLU B 72 5.79 4.85 -18.82
N CYS B 73 5.35 4.16 -17.77
CA CYS B 73 4.31 3.15 -17.89
C CYS B 73 3.00 3.66 -17.30
N GLU B 74 1.94 2.92 -17.60
CA GLU B 74 0.60 3.22 -17.14
C GLU B 74 0.01 1.95 -16.56
N ILE B 75 -0.97 2.10 -15.68
CA ILE B 75 -1.58 0.96 -15.00
C ILE B 75 -3.06 0.92 -15.35
N TYR B 76 -3.55 -0.28 -15.64
CA TYR B 76 -4.95 -0.52 -15.94
C TYR B 76 -5.53 -1.40 -14.84
N ALA B 77 -6.52 -0.88 -14.12
CA ALA B 77 -7.07 -1.56 -12.95
C ALA B 77 -8.50 -1.99 -13.26
N SER B 78 -8.78 -3.29 -13.11
CA SER B 78 -10.14 -3.78 -13.29
C SER B 78 -11.12 -3.08 -12.36
N CYS B 79 -10.65 -2.64 -11.19
CA CYS B 79 -11.48 -1.95 -10.22
C CYS B 79 -10.72 -0.78 -9.62
N GLU B 80 -11.48 0.22 -9.17
CA GLU B 80 -10.95 1.42 -8.56
C GLU B 80 -9.95 1.07 -7.45
N PRO B 81 -8.72 1.59 -7.51
CA PRO B 81 -7.73 1.23 -6.49
C PRO B 81 -8.11 1.73 -5.10
N CYS B 82 -7.86 0.88 -4.10
CA CYS B 82 -8.07 1.22 -2.70
C CYS B 82 -7.06 2.30 -2.28
N PRO B 83 -7.20 2.86 -1.06
CA PRO B 83 -6.20 3.83 -0.59
C PRO B 83 -4.77 3.30 -0.60
N MET B 84 -4.56 2.03 -0.21
CA MET B 84 -3.22 1.48 -0.23
C MET B 84 -2.68 1.40 -1.65
N CYS B 85 -3.49 0.91 -2.59
CA CYS B 85 -3.03 0.75 -3.95
C CYS B 85 -2.85 2.10 -4.63
N PHE B 86 -3.72 3.07 -4.32
CA PHE B 86 -3.51 4.41 -4.87
C PHE B 86 -2.22 5.03 -4.35
N GLY B 87 -1.93 4.86 -3.06
CA GLY B 87 -0.65 5.31 -2.54
C GLY B 87 0.52 4.66 -3.23
N ALA B 88 0.44 3.34 -3.42
CA ALA B 88 1.50 2.61 -4.12
C ALA B 88 1.64 3.09 -5.56
N ILE B 89 0.53 3.43 -6.21
CA ILE B 89 0.60 3.96 -7.57
C ILE B 89 1.31 5.31 -7.57
N HIS B 90 1.03 6.14 -6.57
CA HIS B 90 1.75 7.41 -6.46
C HIS B 90 3.25 7.16 -6.29
N LEU B 91 3.63 6.30 -5.36
CA LEU B 91 5.03 6.05 -5.09
C LEU B 91 5.77 5.48 -6.29
N SER B 92 5.09 4.68 -7.11
CA SER B 92 5.71 4.05 -8.28
C SER B 92 6.00 5.02 -9.41
N ARG B 93 5.53 6.26 -9.32
CA ARG B 93 5.69 7.31 -10.34
C ARG B 93 4.97 7.00 -11.63
N LEU B 94 4.05 6.03 -11.62
CA LEU B 94 3.23 5.75 -12.80
C LEU B 94 2.56 7.04 -13.27
N LYS B 95 2.54 7.24 -14.59
CA LYS B 95 2.07 8.50 -15.14
C LYS B 95 0.58 8.54 -15.40
N ARG B 96 -0.09 7.38 -15.48
CA ARG B 96 -1.51 7.36 -15.82
C ARG B 96 -2.17 6.16 -15.16
N LEU B 97 -3.43 6.33 -14.79
CA LEU B 97 -4.23 5.28 -14.18
C LEU B 97 -5.58 5.20 -14.88
N VAL B 98 -5.88 4.05 -15.47
CA VAL B 98 -7.19 3.75 -16.05
C VAL B 98 -7.81 2.64 -15.23
N TYR B 99 -9.04 2.86 -14.75
CA TYR B 99 -9.74 1.83 -14.00
C TYR B 99 -11.15 1.65 -14.54
N GLY B 100 -11.68 0.45 -14.36
CA GLY B 100 -12.94 0.08 -14.98
C GLY B 100 -14.17 0.26 -14.12
N ALA B 101 -14.21 -0.42 -12.98
CA ALA B 101 -15.38 -0.44 -12.13
C ALA B 101 -15.22 0.49 -10.94
N LYS B 102 -16.30 1.16 -10.57
CA LYS B 102 -16.33 1.95 -9.35
C LYS B 102 -16.20 1.05 -8.13
N ALA B 103 -15.64 1.62 -7.05
CA ALA B 103 -15.53 0.87 -5.80
C ALA B 103 -16.89 0.37 -5.33
N GLU B 104 -17.96 1.10 -5.66
CA GLU B 104 -19.29 0.70 -5.23
C GLU B 104 -19.70 -0.65 -5.82
N ALA B 105 -19.21 -0.97 -7.02
CA ALA B 105 -19.52 -2.26 -7.62
C ALA B 105 -18.93 -3.41 -6.81
N ALA B 106 -17.77 -3.19 -6.18
CA ALA B 106 -17.20 -4.21 -5.30
C ALA B 106 -17.87 -4.19 -3.93
N ILE B 107 -18.21 -3.00 -3.43
CA ILE B 107 -18.93 -2.90 -2.16
C ILE B 107 -20.26 -3.62 -2.24
N ALA B 108 -20.88 -3.65 -3.42
CA ALA B 108 -22.20 -4.26 -3.57
C ALA B 108 -22.21 -5.74 -3.24
N ILE B 109 -21.05 -6.39 -3.20
CA ILE B 109 -20.99 -7.81 -2.90
C ILE B 109 -20.22 -8.09 -1.60
N GLY B 110 -20.06 -7.08 -0.75
CA GLY B 110 -19.58 -7.30 0.60
C GLY B 110 -18.22 -6.75 0.94
N PHE B 111 -17.53 -6.12 0.00
CA PHE B 111 -16.19 -5.61 0.30
C PHE B 111 -16.28 -4.32 1.11
N ASP B 112 -15.19 -4.04 1.83
CA ASP B 112 -15.14 -2.86 2.70
C ASP B 112 -15.35 -1.59 1.90
N ASP B 113 -16.10 -0.64 2.48
CA ASP B 113 -16.18 0.71 1.91
C ASP B 113 -14.85 1.40 2.20
N PHE B 114 -13.87 1.10 1.35
CA PHE B 114 -12.47 1.45 1.58
C PHE B 114 -12.02 2.19 0.33
N ILE B 115 -12.29 3.49 0.30
CA ILE B 115 -12.17 4.31 -0.90
C ILE B 115 -11.09 5.36 -0.67
N ALA B 116 -10.33 5.65 -1.72
CA ALA B 116 -9.16 6.52 -1.62
C ALA B 116 -9.60 7.97 -1.79
N ASP B 117 -9.44 8.75 -0.72
CA ASP B 117 -9.78 10.17 -0.78
C ASP B 117 -9.03 10.89 -1.89
N ALA B 118 -7.73 10.58 -2.04
CA ALA B 118 -6.93 11.28 -3.04
C ALA B 118 -7.38 10.97 -4.46
N LEU B 119 -7.96 9.79 -4.70
CA LEU B 119 -8.43 9.48 -6.05
C LEU B 119 -9.68 10.28 -6.39
N ARG B 120 -10.58 10.44 -5.42
CA ARG B 120 -11.83 11.13 -5.67
C ARG B 120 -11.74 12.62 -5.40
N GLY B 121 -10.63 13.13 -4.87
CA GLY B 121 -10.47 14.55 -4.69
C GLY B 121 -11.04 15.11 -3.41
N THR B 122 -11.19 14.29 -2.38
CA THR B 122 -11.85 14.70 -1.14
C THR B 122 -10.88 14.82 0.03
N GLY B 123 -9.60 14.98 -0.26
CA GLY B 123 -8.56 15.04 0.74
C GLY B 123 -8.16 16.44 1.16
N VAL B 124 -7.70 16.56 2.40
CA VAL B 124 -7.12 17.79 2.91
C VAL B 124 -5.60 17.75 2.79
N TYR B 125 -4.97 16.70 3.31
CA TYR B 125 -3.53 16.59 3.27
C TYR B 125 -2.99 15.91 2.00
N GLN B 126 -3.72 14.96 1.43
CA GLN B 126 -3.26 14.23 0.25
C GLN B 126 -3.92 14.74 -1.03
N LYS B 127 -3.11 15.31 -1.91
CA LYS B 127 -3.51 15.76 -3.23
C LYS B 127 -2.84 14.89 -4.29
N SER B 128 -3.58 14.52 -5.34
CA SER B 128 -3.01 13.76 -6.45
C SER B 128 -2.95 14.63 -7.69
N SER B 129 -1.80 14.59 -8.38
CA SER B 129 -1.59 15.24 -9.66
C SER B 129 -1.66 14.25 -10.81
N LEU B 130 -1.70 12.96 -10.49
CA LEU B 130 -1.64 11.90 -11.48
C LEU B 130 -2.86 11.96 -12.40
N GLU B 131 -2.65 11.57 -13.65
CA GLU B 131 -3.74 11.49 -14.61
C GLU B 131 -4.56 10.24 -14.32
N ILE B 132 -5.87 10.42 -14.18
CA ILE B 132 -6.80 9.36 -13.81
C ILE B 132 -7.94 9.35 -14.82
N LYS B 133 -8.29 8.15 -15.29
CA LYS B 133 -9.38 7.98 -16.23
C LYS B 133 -10.31 6.89 -15.74
N LYS B 134 -11.58 7.23 -15.53
CA LYS B 134 -12.62 6.25 -15.26
C LYS B 134 -13.13 5.73 -16.60
N ALA B 135 -13.07 4.41 -16.79
CA ALA B 135 -13.48 3.83 -18.06
C ALA B 135 -14.95 4.13 -18.33
N ASP B 136 -15.28 4.26 -19.61
CA ASP B 136 -16.63 4.52 -20.04
C ASP B 136 -17.11 3.36 -20.92
N GLY B 137 -18.40 3.41 -21.26
CA GLY B 137 -18.97 2.47 -22.21
C GLY B 137 -18.75 1.01 -21.89
N ASN B 138 -18.36 0.25 -22.92
CA ASN B 138 -18.29 -1.20 -22.84
C ASN B 138 -17.23 -1.69 -21.87
N GLY B 139 -16.07 -1.02 -21.83
CA GLY B 139 -15.06 -1.41 -20.88
C GLY B 139 -15.56 -1.33 -19.45
N ALA B 140 -16.22 -0.22 -19.12
CA ALA B 140 -16.80 -0.06 -17.79
C ALA B 140 -17.86 -1.12 -17.53
N ALA B 141 -18.71 -1.42 -18.52
CA ALA B 141 -19.72 -2.45 -18.30
C ALA B 141 -19.09 -3.80 -17.97
N ILE B 142 -18.10 -4.20 -18.77
CA ILE B 142 -17.41 -5.49 -18.57
C ILE B 142 -16.77 -5.54 -17.19
N ALA B 143 -16.05 -4.47 -16.81
CA ALA B 143 -15.40 -4.47 -15.51
C ALA B 143 -16.43 -4.47 -14.40
N GLU B 144 -17.54 -3.77 -14.63
CA GLU B 144 -18.52 -3.51 -13.60
C GLU B 144 -19.23 -4.80 -13.21
N GLN B 145 -19.51 -5.67 -14.19
CA GLN B 145 -20.24 -6.93 -13.98
C GLN B 145 -19.40 -8.05 -13.35
N VAL B 146 -18.08 -7.86 -13.23
CA VAL B 146 -17.20 -8.88 -12.67
C VAL B 146 -17.70 -9.37 -11.32
N PHE B 147 -18.14 -8.45 -10.47
CA PHE B 147 -18.40 -8.81 -9.09
C PHE B 147 -19.71 -9.59 -8.94
N GLN B 148 -20.73 -9.25 -9.74
CA GLN B 148 -21.94 -10.05 -9.70
C GLN B 148 -21.73 -11.40 -10.36
N ASN B 149 -20.82 -11.47 -11.34
CA ASN B 149 -20.58 -12.73 -12.01
C ASN B 149 -19.81 -13.68 -11.10
N THR B 150 -18.93 -13.14 -10.25
CA THR B 150 -18.18 -14.03 -9.37
C THR B 150 -18.98 -14.35 -8.13
N LYS B 151 -19.87 -13.46 -7.70
CA LYS B 151 -20.73 -13.82 -6.59
C LYS B 151 -21.72 -14.91 -6.98
N GLU B 152 -22.19 -14.91 -8.23
CA GLU B 152 -23.12 -15.93 -8.67
C GLU B 152 -22.43 -17.20 -9.20
N LYS B 153 -21.12 -17.15 -9.49
CA LYS B 153 -20.42 -18.40 -9.79
C LYS B 153 -20.17 -19.17 -8.51
N PHE B 154 -20.20 -18.49 -7.38
CA PHE B 154 -19.88 -19.03 -6.06
C PHE B 154 -21.08 -18.96 -5.15
N ARG B 155 -22.28 -18.73 -5.69
CA ARG B 155 -23.46 -18.54 -4.86
C ARG B 155 -23.89 -19.85 -4.23
N LEU B 156 -23.87 -20.93 -5.00
CA LEU B 156 -24.25 -22.23 -4.45
C LEU B 156 -23.10 -22.83 -3.66
N TYR B 157 -22.26 -21.97 -3.06
CA TYR B 157 -21.16 -22.37 -2.18
C TYR B 157 -20.18 -23.31 -2.88
#